data_3S2M
#
_entry.id   3S2M
#
_cell.length_a   96.815
_cell.length_b   96.815
_cell.length_c   104.482
_cell.angle_alpha   90.00
_cell.angle_beta   90.00
_cell.angle_gamma   120.00
#
_symmetry.space_group_name_H-M   'P 31 2 1'
#
loop_
_entity.id
_entity.type
_entity.pdbx_description
1 polymer dipeptidase
2 non-polymer '(2R)-2-{[(S)-[(1R)-1-amino-2-phenylethyl](hydroxy)phosphoryl]methyl}butanedioic acid'
3 non-polymer 'ZINC ION'
4 non-polymer 1,2-ETHANEDIOL
5 water water
#
_entity_poly.entity_id   1
_entity_poly.type   'polypeptide(L)'
_entity_poly.pdbx_seq_one_letter_code
;MTSLEKARELLREFPVVDGHNDLPWALREQVRYDLDARDIAADQSAHLHTDLARLRSGGVGAQYWSVYVRSDLPGAVTAT
LEQIDCVRRLIDRHPGELRAALTAADMEAARAEGRIASLMGAEGGHSIDNSLATLRALYALGVRYMTLTHNDNNAWADSA
TDEPGVGGLSAFGREVVREMNREGMLVDLSHVAATTMRDALDTSTAPVIFSHSSSRAVCDHPRNIPDDVLERLSANGGMA
MVTFVPKFVLQAAVDWTAEADDNMRAHGFHHLDSSPEAMKVHAAFEERVPRPVATVSTVADHLDHMREVAGVDHLGIGGD
YDGTPFTPDGLGDVSGYPNLIAELLDRGWSQSDLAKLTWKNAVRVLDAAEDVSRGLRAARGPSNATIEQLDGTAAEQPEG
;
_entity_poly.pdbx_strand_id   A
#
loop_
_chem_comp.id
_chem_comp.type
_chem_comp.name
_chem_comp.formula
EDO non-polymer 1,2-ETHANEDIOL 'C2 H6 O2'
P5D peptide-like '(2R)-2-{[(S)-[(1R)-1-amino-2-phenylethyl](hydroxy)phosphoryl]methyl}butanedioic acid' 'C13 H18 N O6 P'
ZN non-polymer 'ZINC ION' 'Zn 2'
#
# COMPACT_ATOMS: atom_id res chain seq x y z
N MET A 1 18.73 -23.58 14.83
CA MET A 1 17.35 -23.15 15.06
C MET A 1 16.52 -23.34 13.79
N THR A 2 15.20 -23.27 13.94
CA THR A 2 14.29 -23.41 12.81
C THR A 2 14.31 -22.13 11.97
N SER A 3 13.77 -22.20 10.77
N SER A 3 13.77 -22.21 10.76
CA SER A 3 13.72 -21.03 9.90
CA SER A 3 13.72 -21.04 9.89
C SER A 3 12.84 -19.95 10.49
C SER A 3 12.85 -19.95 10.52
N LEU A 4 11.80 -20.37 11.22
CA LEU A 4 10.93 -19.41 11.90
C LEU A 4 11.68 -18.69 13.02
N GLU A 5 12.43 -19.44 13.83
CA GLU A 5 13.25 -18.82 14.86
C GLU A 5 14.27 -17.85 14.25
N LYS A 6 14.91 -18.27 13.17
CA LYS A 6 15.87 -17.40 12.48
C LYS A 6 15.18 -16.15 11.94
N ALA A 7 14.01 -16.34 11.35
CA ALA A 7 13.26 -15.19 10.83
C ALA A 7 13.01 -14.15 11.92
N ARG A 8 12.59 -14.61 13.10
CA ARG A 8 12.34 -13.67 14.19
C ARG A 8 13.60 -12.92 14.59
N GLU A 9 14.74 -13.62 14.61
CA GLU A 9 16.02 -12.99 14.93
C GLU A 9 16.36 -11.92 13.90
N LEU A 10 16.18 -12.25 12.64
CA LEU A 10 16.48 -11.31 11.57
C LEU A 10 15.60 -10.08 11.67
N LEU A 11 14.33 -10.29 12.00
CA LEU A 11 13.39 -9.16 12.09
C LEU A 11 13.67 -8.27 13.28
N ARG A 12 14.28 -8.83 14.32
CA ARG A 12 14.64 -8.01 15.47
C ARG A 12 15.72 -7.00 15.08
N GLU A 13 16.60 -7.38 14.16
CA GLU A 13 17.64 -6.47 13.68
C GLU A 13 17.14 -5.51 12.60
N PHE A 14 16.42 -6.06 11.62
CA PHE A 14 15.91 -5.27 10.50
C PHE A 14 14.44 -5.58 10.28
N PRO A 15 13.56 -4.85 10.98
CA PRO A 15 12.13 -5.15 10.99
C PRO A 15 11.44 -4.75 9.69
N VAL A 16 10.19 -5.16 9.56
CA VAL A 16 9.39 -4.83 8.38
C VAL A 16 8.96 -3.37 8.39
N VAL A 17 9.16 -2.70 7.25
CA VAL A 17 8.50 -1.45 6.95
C VAL A 17 7.32 -1.85 6.05
N ASP A 18 6.11 -1.79 6.59
CA ASP A 18 4.96 -2.21 5.80
C ASP A 18 4.38 -1.02 5.07
N GLY A 19 4.12 -1.21 3.78
CA GLY A 19 3.70 -0.12 2.93
C GLY A 19 2.26 0.33 2.99
N HIS A 20 1.35 -0.46 3.55
CA HIS A 20 -0.06 -0.06 3.49
C HIS A 20 -0.93 -0.86 4.46
N ASN A 21 -1.40 -0.21 5.51
CA ASN A 21 -2.31 -0.83 6.47
C ASN A 21 -3.50 0.12 6.64
N ASP A 22 -4.73 -0.39 6.50
CA ASP A 22 -5.92 0.47 6.51
C ASP A 22 -6.64 0.54 7.87
N LEU A 23 -5.89 0.35 8.95
CA LEU A 23 -6.47 0.48 10.29
C LEU A 23 -7.31 1.76 10.44
N PRO A 24 -6.83 2.91 9.93
CA PRO A 24 -7.66 4.11 10.13
C PRO A 24 -9.06 3.99 9.51
N TRP A 25 -9.17 3.51 8.27
CA TRP A 25 -10.49 3.33 7.67
C TRP A 25 -11.31 2.32 8.46
N ALA A 26 -10.66 1.27 8.93
CA ALA A 26 -11.35 0.25 9.71
C ALA A 26 -11.94 0.86 10.98
N LEU A 27 -11.18 1.76 11.61
CA LEU A 27 -11.66 2.41 12.82
C LEU A 27 -12.80 3.37 12.50
N ARG A 28 -12.68 4.05 11.37
CA ARG A 28 -13.74 4.94 10.89
C ARG A 28 -15.05 4.17 10.70
N GLU A 29 -14.94 3.01 10.03
N GLU A 29 -14.97 3.05 9.97
CA GLU A 29 -16.13 2.23 9.66
CA GLU A 29 -16.16 2.25 9.70
C GLU A 29 -16.73 1.39 10.79
C GLU A 29 -16.72 1.61 10.97
N GLN A 30 -15.88 0.85 11.67
CA GLN A 30 -16.36 0.03 12.79
C GLN A 30 -16.90 0.84 13.96
N VAL A 31 -16.19 1.90 14.34
CA VAL A 31 -16.53 2.63 15.55
C VAL A 31 -16.50 4.15 15.41
N ARG A 32 -16.50 4.63 14.16
CA ARG A 32 -16.36 6.06 13.88
C ARG A 32 -15.32 6.71 14.79
N TYR A 33 -14.14 6.10 14.84
CA TYR A 33 -12.99 6.68 15.51
C TYR A 33 -13.12 6.73 17.03
N ASP A 34 -14.04 5.95 17.59
CA ASP A 34 -14.10 5.78 19.04
C ASP A 34 -12.97 4.83 19.43
N LEU A 35 -11.80 5.38 19.66
CA LEU A 35 -10.58 4.59 19.78
C LEU A 35 -10.57 3.69 21.01
N ASP A 36 -11.28 4.10 22.06
CA ASP A 36 -11.40 3.28 23.25
C ASP A 36 -12.13 1.97 22.94
N ALA A 37 -13.02 1.99 21.95
CA ALA A 37 -13.80 0.82 21.58
C ALA A 37 -13.00 -0.21 20.80
N ARG A 38 -11.84 0.20 20.29
CA ARG A 38 -10.94 -0.70 19.56
C ARG A 38 -9.49 -0.48 20.00
N ASP A 39 -9.30 -0.27 21.29
CA ASP A 39 -8.00 0.06 21.88
C ASP A 39 -6.91 -0.89 21.39
N ILE A 40 -5.97 -0.41 20.58
CA ILE A 40 -4.95 -1.31 20.05
C ILE A 40 -3.87 -1.70 21.08
N ALA A 41 -3.97 -1.16 22.29
CA ALA A 41 -3.12 -1.60 23.38
C ALA A 41 -3.69 -2.88 24.00
N ALA A 42 -4.88 -3.27 23.53
CA ALA A 42 -5.52 -4.52 23.92
C ALA A 42 -5.66 -5.43 22.71
N ASP A 43 -6.10 -6.67 22.95
CA ASP A 43 -6.22 -7.66 21.89
C ASP A 43 -7.46 -7.41 21.05
N GLN A 44 -7.25 -7.03 19.78
CA GLN A 44 -8.35 -6.71 18.89
C GLN A 44 -8.56 -7.78 17.82
N SER A 45 -8.09 -8.99 18.09
N SER A 45 -8.09 -8.99 18.08
CA SER A 45 -8.14 -10.07 17.11
CA SER A 45 -8.13 -10.03 17.06
C SER A 45 -9.54 -10.37 16.60
C SER A 45 -9.54 -10.40 16.60
N ALA A 46 -10.54 -10.10 17.43
CA ALA A 46 -11.93 -10.37 17.04
C ALA A 46 -12.46 -9.42 15.96
N HIS A 47 -11.82 -8.26 15.81
CA HIS A 47 -12.37 -7.20 14.97
C HIS A 47 -11.41 -6.72 13.88
N LEU A 48 -10.12 -6.84 14.13
CA LEU A 48 -9.10 -6.20 13.32
C LEU A 48 -7.92 -7.13 13.06
N HIS A 49 -7.23 -6.90 11.95
CA HIS A 49 -5.95 -7.57 11.68
C HIS A 49 -4.82 -6.99 12.53
N THR A 50 -5.02 -5.78 13.05
CA THR A 50 -3.96 -5.00 13.67
C THR A 50 -4.20 -4.66 15.13
N ASP A 51 -3.20 -4.91 15.96
CA ASP A 51 -3.06 -4.20 17.23
C ASP A 51 -1.58 -4.17 17.61
N LEU A 52 -1.24 -3.48 18.69
CA LEU A 52 0.16 -3.25 19.00
C LEU A 52 0.94 -4.53 19.30
N ALA A 53 0.32 -5.43 20.06
CA ALA A 53 1.00 -6.67 20.43
C ALA A 53 1.28 -7.52 19.19
N ARG A 54 0.30 -7.61 18.31
CA ARG A 54 0.50 -8.38 17.08
C ARG A 54 1.50 -7.74 16.13
N LEU A 55 1.52 -6.41 16.07
CA LEU A 55 2.57 -5.73 15.29
C LEU A 55 3.95 -6.12 15.79
N ARG A 56 4.12 -6.17 17.10
N ARG A 56 4.12 -6.14 17.11
CA ARG A 56 5.44 -6.49 17.66
CA ARG A 56 5.40 -6.51 17.70
C ARG A 56 5.79 -7.97 17.43
C ARG A 56 5.76 -7.95 17.38
N SER A 57 4.81 -8.85 17.62
CA SER A 57 4.99 -10.27 17.33
C SER A 57 5.36 -10.46 15.86
N GLY A 58 4.78 -9.64 14.99
CA GLY A 58 5.03 -9.77 13.56
C GLY A 58 6.33 -9.15 13.08
N GLY A 59 7.01 -8.42 13.96
CA GLY A 59 8.27 -7.82 13.59
C GLY A 59 8.13 -6.57 12.73
N VAL A 60 7.02 -5.86 12.89
CA VAL A 60 6.82 -4.60 12.18
C VAL A 60 7.52 -3.47 12.91
N GLY A 61 8.45 -2.82 12.22
CA GLY A 61 9.20 -1.72 12.81
C GLY A 61 8.83 -0.35 12.25
N ALA A 62 8.10 -0.33 11.16
CA ALA A 62 7.57 0.93 10.62
C ALA A 62 6.32 0.61 9.84
N GLN A 63 5.35 1.52 9.92
CA GLN A 63 4.09 1.33 9.21
C GLN A 63 3.68 2.60 8.48
N TYR A 64 3.44 2.48 7.18
CA TYR A 64 2.70 3.52 6.48
C TYR A 64 1.23 3.28 6.76
N TRP A 65 0.63 4.14 7.58
CA TRP A 65 -0.79 4.05 7.87
C TRP A 65 -1.53 4.71 6.74
N SER A 66 -2.45 3.98 6.12
CA SER A 66 -3.23 4.51 5.02
C SER A 66 -4.27 5.51 5.50
N VAL A 67 -4.34 6.67 4.83
CA VAL A 67 -5.41 7.63 5.10
C VAL A 67 -6.41 7.66 3.94
N TYR A 68 -6.56 6.50 3.32
CA TYR A 68 -7.60 6.22 2.33
C TYR A 68 -8.96 6.84 2.69
N VAL A 69 -9.63 7.38 1.67
CA VAL A 69 -11.03 7.74 1.76
C VAL A 69 -11.73 7.33 0.46
N ARG A 70 -13.05 7.21 0.48
CA ARG A 70 -13.78 6.79 -0.71
C ARG A 70 -13.78 7.84 -1.82
N SER A 71 -13.53 7.41 -3.05
CA SER A 71 -13.56 8.36 -4.16
C SER A 71 -14.98 8.56 -4.69
N ASP A 72 -15.88 7.67 -4.30
CA ASP A 72 -17.26 7.72 -4.79
C ASP A 72 -18.22 8.43 -3.83
N LEU A 73 -17.66 9.15 -2.86
CA LEU A 73 -18.44 9.97 -1.95
C LEU A 73 -17.89 11.38 -1.98
N PRO A 74 -18.74 12.39 -1.72
CA PRO A 74 -18.23 13.76 -1.65
C PRO A 74 -17.39 13.99 -0.39
N GLY A 75 -16.75 15.15 -0.31
CA GLY A 75 -16.01 15.55 0.87
C GLY A 75 -14.74 14.74 1.14
N ALA A 76 -14.08 14.30 0.07
CA ALA A 76 -12.85 13.53 0.21
C ALA A 76 -11.77 14.25 1.00
N VAL A 77 -11.62 15.56 0.80
CA VAL A 77 -10.58 16.29 1.53
C VAL A 77 -10.86 16.27 3.03
N THR A 78 -12.10 16.62 3.41
CA THR A 78 -12.49 16.55 4.82
C THR A 78 -12.24 15.17 5.40
N ALA A 79 -12.65 14.13 4.67
CA ALA A 79 -12.48 12.77 5.17
C ALA A 79 -11.00 12.40 5.31
N THR A 80 -10.16 12.90 4.40
CA THR A 80 -8.73 12.64 4.48
C THR A 80 -8.14 13.28 5.73
N LEU A 81 -8.59 14.49 6.04
CA LEU A 81 -8.13 15.17 7.26
C LEU A 81 -8.56 14.38 8.51
N GLU A 82 -9.75 13.80 8.47
CA GLU A 82 -10.22 12.96 9.57
C GLU A 82 -9.37 11.69 9.71
N GLN A 83 -8.98 11.10 8.58
CA GLN A 83 -8.09 9.94 8.61
C GLN A 83 -6.71 10.30 9.17
N ILE A 84 -6.16 11.43 8.73
CA ILE A 84 -4.88 11.92 9.26
C ILE A 84 -4.99 12.15 10.77
N ASP A 85 -6.09 12.77 11.20
CA ASP A 85 -6.33 12.99 12.62
C ASP A 85 -6.38 11.68 13.40
N CYS A 86 -6.98 10.64 12.80
CA CYS A 86 -7.02 9.33 13.45
C CYS A 86 -5.61 8.80 13.71
N VAL A 87 -4.73 8.90 12.70
CA VAL A 87 -3.35 8.43 12.86
C VAL A 87 -2.64 9.23 13.95
N ARG A 88 -2.81 10.54 13.92
CA ARG A 88 -2.22 11.42 14.94
C ARG A 88 -2.68 11.01 16.34
N ARG A 89 -3.98 10.74 16.49
CA ARG A 89 -4.53 10.33 17.79
C ARG A 89 -3.95 9.00 18.25
N LEU A 90 -3.80 8.05 17.32
CA LEU A 90 -3.21 6.76 17.67
C LEU A 90 -1.79 6.94 18.16
N ILE A 91 -1.01 7.76 17.45
CA ILE A 91 0.37 8.02 17.88
C ILE A 91 0.39 8.65 19.28
N ASP A 92 -0.48 9.62 19.51
CA ASP A 92 -0.51 10.32 20.78
C ASP A 92 -0.95 9.40 21.92
N ARG A 93 -1.82 8.44 21.62
CA ARG A 93 -2.35 7.52 22.64
C ARG A 93 -1.34 6.45 23.07
N HIS A 94 -0.38 6.15 22.19
CA HIS A 94 0.51 5.02 22.43
C HIS A 94 1.98 5.41 22.26
N PRO A 95 2.46 6.38 23.04
CA PRO A 95 3.84 6.86 22.89
C PRO A 95 4.88 5.82 23.26
N GLY A 96 4.51 4.82 24.04
CA GLY A 96 5.44 3.75 24.38
C GLY A 96 5.77 2.85 23.19
N GLU A 97 4.82 2.75 22.26
CA GLU A 97 4.93 1.79 21.15
C GLU A 97 5.11 2.43 19.77
N LEU A 98 4.58 3.64 19.60
CA LEU A 98 4.58 4.32 18.30
C LEU A 98 5.35 5.64 18.35
N ARG A 99 6.00 5.97 17.24
CA ARG A 99 6.68 7.25 17.09
C ARG A 99 6.36 7.80 15.72
N ALA A 100 5.88 9.03 15.66
CA ALA A 100 5.62 9.66 14.36
C ALA A 100 6.92 9.71 13.56
N ALA A 101 6.84 9.40 12.28
CA ALA A 101 8.01 9.53 11.42
C ALA A 101 7.67 10.28 10.14
N LEU A 102 8.47 11.29 9.85
CA LEU A 102 8.29 12.11 8.66
C LEU A 102 9.43 11.93 7.69
N THR A 103 10.54 11.35 8.17
CA THR A 103 11.76 11.25 7.37
C THR A 103 12.41 9.89 7.56
N ALA A 104 13.35 9.57 6.68
CA ALA A 104 14.09 8.33 6.79
C ALA A 104 14.88 8.34 8.10
N ALA A 105 15.40 9.52 8.47
CA ALA A 105 16.10 9.64 9.75
C ALA A 105 15.17 9.32 10.93
N ASP A 106 13.93 9.79 10.88
CA ASP A 106 12.96 9.45 11.91
C ASP A 106 12.74 7.94 12.00
N MET A 107 12.72 7.28 10.84
CA MET A 107 12.55 5.83 10.83
C MET A 107 13.69 5.13 11.58
N GLU A 108 14.93 5.56 11.30
CA GLU A 108 16.06 4.99 12.01
C GLU A 108 16.03 5.32 13.50
N ALA A 109 15.58 6.54 13.84
CA ALA A 109 15.50 6.92 15.25
C ALA A 109 14.51 6.03 15.98
N ALA A 110 13.37 5.77 15.34
CA ALA A 110 12.38 4.87 15.92
C ALA A 110 12.96 3.47 16.11
N ARG A 111 13.66 2.96 15.11
CA ARG A 111 14.25 1.63 15.22
C ARG A 111 15.25 1.56 16.37
N ALA A 112 16.05 2.62 16.53
CA ALA A 112 17.06 2.64 17.59
C ALA A 112 16.43 2.60 18.98
N GLU A 113 15.24 3.16 19.13
CA GLU A 113 14.61 3.17 20.45
C GLU A 113 13.53 2.12 20.62
N GLY A 114 13.31 1.32 19.58
CA GLY A 114 12.36 0.22 19.68
C GLY A 114 10.90 0.65 19.62
N ARG A 115 10.64 1.73 18.89
CA ARG A 115 9.25 2.14 18.64
C ARG A 115 8.91 1.98 17.17
N ILE A 116 7.64 1.73 16.88
CA ILE A 116 7.21 1.56 15.49
C ILE A 116 7.06 2.92 14.82
N ALA A 117 7.89 3.17 13.82
CA ALA A 117 7.81 4.42 13.07
C ALA A 117 6.47 4.48 12.36
N SER A 118 5.75 5.56 12.57
CA SER A 118 4.40 5.67 12.04
C SER A 118 4.32 6.79 11.00
N LEU A 119 4.17 6.39 9.75
CA LEU A 119 4.06 7.32 8.64
C LEU A 119 2.64 7.27 8.08
N MET A 120 2.38 8.11 7.09
CA MET A 120 1.07 8.17 6.45
C MET A 120 1.19 8.17 4.95
N GLY A 121 0.27 7.46 4.32
CA GLY A 121 0.16 7.47 2.87
C GLY A 121 -1.29 7.67 2.48
N ALA A 122 -1.54 8.63 1.59
CA ALA A 122 -2.88 8.84 1.06
C ALA A 122 -3.11 7.85 -0.07
N GLU A 123 -4.35 7.37 -0.19
CA GLU A 123 -4.67 6.34 -1.17
C GLU A 123 -5.66 6.85 -2.22
N GLY A 124 -5.14 7.58 -3.20
CA GLY A 124 -5.94 8.09 -4.29
C GLY A 124 -5.85 9.60 -4.43
N GLY A 125 -5.61 10.04 -5.66
CA GLY A 125 -5.45 11.45 -5.96
C GLY A 125 -6.70 12.30 -5.69
N HIS A 126 -7.84 11.65 -5.55
CA HIS A 126 -9.06 12.37 -5.21
C HIS A 126 -8.91 13.06 -3.86
N SER A 127 -7.94 12.62 -3.05
CA SER A 127 -7.69 13.25 -1.76
C SER A 127 -7.18 14.68 -1.87
N ILE A 128 -6.74 15.11 -3.06
CA ILE A 128 -6.30 16.50 -3.22
C ILE A 128 -7.28 17.40 -4.00
N ASP A 129 -8.41 16.86 -4.45
CA ASP A 129 -9.45 17.70 -5.07
C ASP A 129 -8.88 18.60 -6.16
N ASN A 130 -8.05 18.01 -7.04
CA ASN A 130 -7.45 18.72 -8.17
C ASN A 130 -6.68 19.98 -7.77
N SER A 131 -6.17 20.02 -6.55
CA SER A 131 -5.55 21.22 -5.99
C SER A 131 -4.11 20.97 -5.53
N LEU A 132 -3.15 21.61 -6.19
CA LEU A 132 -1.75 21.42 -5.83
C LEU A 132 -1.45 21.96 -4.44
N ALA A 133 -2.12 23.05 -4.06
CA ALA A 133 -1.97 23.58 -2.71
C ALA A 133 -2.46 22.57 -1.67
N THR A 134 -3.52 21.83 -2.01
CA THR A 134 -4.04 20.81 -1.12
C THR A 134 -3.03 19.66 -0.97
N LEU A 135 -2.41 19.28 -2.09
CA LEU A 135 -1.31 18.32 -2.03
C LEU A 135 -0.24 18.81 -1.05
N ARG A 136 0.15 20.07 -1.17
CA ARG A 136 1.17 20.61 -0.26
C ARG A 136 0.71 20.62 1.19
N ALA A 137 -0.57 20.90 1.42
CA ALA A 137 -1.13 20.82 2.77
C ALA A 137 -1.07 19.41 3.34
N LEU A 138 -1.41 18.40 2.52
CA LEU A 138 -1.30 17.02 3.00
C LEU A 138 0.14 16.67 3.37
N TYR A 139 1.09 17.11 2.55
CA TYR A 139 2.48 16.89 2.91
C TYR A 139 2.81 17.57 4.26
N ALA A 140 2.34 18.80 4.43
CA ALA A 140 2.62 19.54 5.65
C ALA A 140 2.08 18.80 6.87
N LEU A 141 0.97 18.10 6.68
CA LEU A 141 0.34 17.34 7.77
C LEU A 141 1.00 15.99 8.01
N GLY A 142 1.94 15.61 7.14
CA GLY A 142 2.73 14.41 7.36
C GLY A 142 2.53 13.29 6.33
N VAL A 143 1.72 13.51 5.30
CA VAL A 143 1.53 12.48 4.28
C VAL A 143 2.81 12.31 3.47
N ARG A 144 3.31 11.08 3.33
CA ARG A 144 4.60 10.85 2.67
C ARG A 144 4.54 10.00 1.38
N TYR A 145 3.35 9.50 1.05
CA TYR A 145 3.10 8.99 -0.30
C TYR A 145 1.65 9.25 -0.68
N MET A 146 1.37 9.26 -1.97
CA MET A 146 -0.01 9.26 -2.43
C MET A 146 -0.17 8.32 -3.61
N THR A 147 -1.08 7.37 -3.46
CA THR A 147 -1.47 6.49 -4.57
C THR A 147 -2.20 7.37 -5.57
N LEU A 148 -1.79 7.35 -6.84
CA LEU A 148 -2.33 8.37 -7.74
C LEU A 148 -3.83 8.21 -8.02
N THR A 149 -4.30 6.97 -8.02
CA THR A 149 -5.73 6.70 -8.07
C THR A 149 -6.08 5.65 -7.04
N HIS A 150 -7.37 5.51 -6.76
CA HIS A 150 -7.83 4.28 -6.12
C HIS A 150 -8.47 3.42 -7.24
N ASN A 151 -9.65 2.84 -7.00
CA ASN A 151 -10.24 1.90 -7.96
C ASN A 151 -10.88 2.54 -9.19
N ASP A 152 -11.09 3.86 -9.14
CA ASP A 152 -11.71 4.58 -10.25
C ASP A 152 -10.74 5.63 -10.80
N ASN A 153 -10.88 5.93 -12.09
CA ASN A 153 -10.16 7.06 -12.66
C ASN A 153 -10.45 8.32 -11.85
N ASN A 154 -9.48 9.21 -11.79
CA ASN A 154 -9.79 10.60 -11.45
C ASN A 154 -9.57 11.47 -12.69
N ALA A 155 -9.67 12.79 -12.54
CA ALA A 155 -9.64 13.66 -13.74
C ALA A 155 -8.31 13.63 -14.47
N TRP A 156 -7.25 13.25 -13.77
CA TRP A 156 -5.90 13.40 -14.32
C TRP A 156 -5.07 12.11 -14.33
N ALA A 157 -5.66 10.99 -13.92
CA ALA A 157 -4.94 9.72 -13.88
C ALA A 157 -5.89 8.53 -14.08
N ASP A 158 -5.42 7.52 -14.79
CA ASP A 158 -6.23 6.33 -15.06
C ASP A 158 -5.96 5.21 -14.06
N SER A 159 -7.03 4.62 -13.55
CA SER A 159 -6.96 3.49 -12.63
C SER A 159 -6.95 2.16 -13.37
N ALA A 160 -6.28 1.17 -12.80
CA ALA A 160 -6.20 -0.14 -13.42
C ALA A 160 -7.55 -0.84 -13.44
N THR A 161 -8.43 -0.45 -12.53
CA THR A 161 -9.73 -1.09 -12.38
C THR A 161 -10.87 -0.23 -12.91
N ASP A 162 -10.56 0.58 -13.92
CA ASP A 162 -11.55 1.39 -14.61
C ASP A 162 -11.24 1.31 -16.12
N GLU A 163 -12.12 1.86 -16.95
CA GLU A 163 -11.87 1.95 -18.38
C GLU A 163 -10.81 3.02 -18.66
N PRO A 164 -10.15 2.94 -19.81
CA PRO A 164 -9.21 4.01 -20.16
C PRO A 164 -9.90 5.37 -20.12
N GLY A 165 -9.20 6.37 -19.61
CA GLY A 165 -9.74 7.71 -19.49
C GLY A 165 -8.86 8.70 -20.22
N VAL A 166 -7.86 9.22 -19.52
CA VAL A 166 -6.95 10.19 -20.14
C VAL A 166 -5.74 9.55 -20.81
N GLY A 167 -5.57 8.24 -20.65
CA GLY A 167 -4.51 7.51 -21.33
C GLY A 167 -3.26 7.29 -20.49
N GLY A 168 -3.39 7.45 -19.18
CA GLY A 168 -2.27 7.36 -18.25
C GLY A 168 -2.38 8.57 -17.32
N LEU A 169 -1.40 9.47 -17.40
CA LEU A 169 -1.48 10.77 -16.76
C LEU A 169 -1.83 11.83 -17.79
N SER A 170 -2.71 12.76 -17.41
CA SER A 170 -2.92 13.97 -18.21
C SER A 170 -1.78 14.95 -17.98
N ALA A 171 -1.84 16.10 -18.64
CA ALA A 171 -0.85 17.15 -18.39
C ALA A 171 -0.86 17.55 -16.92
N PHE A 172 -2.05 17.73 -16.35
CA PHE A 172 -2.12 18.07 -14.94
C PHE A 172 -1.61 16.93 -14.07
N GLY A 173 -1.86 15.69 -14.48
CA GLY A 173 -1.33 14.52 -13.79
C GLY A 173 0.19 14.55 -13.71
N ARG A 174 0.84 14.94 -14.80
CA ARG A 174 2.29 15.06 -14.79
C ARG A 174 2.72 16.18 -13.84
N GLU A 175 1.92 17.25 -13.80
CA GLU A 175 2.20 18.36 -12.90
C GLU A 175 2.09 17.89 -11.43
N VAL A 176 1.10 17.05 -11.13
CA VAL A 176 0.99 16.48 -9.79
C VAL A 176 2.25 15.70 -9.43
N VAL A 177 2.71 14.85 -10.35
CA VAL A 177 3.92 14.07 -10.10
C VAL A 177 5.12 15.02 -9.86
N ARG A 178 5.25 16.05 -10.69
CA ARG A 178 6.34 17.03 -10.49
C ARG A 178 6.27 17.67 -9.11
N GLU A 179 5.06 18.00 -8.65
CA GLU A 179 4.93 18.66 -7.35
C GLU A 179 5.22 17.69 -6.21
N MET A 180 4.80 16.43 -6.36
CA MET A 180 5.15 15.41 -5.39
C MET A 180 6.66 15.28 -5.33
N ASN A 181 7.32 15.29 -6.48
CA ASN A 181 8.79 15.23 -6.49
C ASN A 181 9.39 16.42 -5.74
N ARG A 182 8.87 17.62 -5.96
CA ARG A 182 9.41 18.79 -5.28
C ARG A 182 9.16 18.75 -3.78
N GLU A 183 7.98 18.28 -3.37
CA GLU A 183 7.66 18.22 -1.93
C GLU A 183 8.45 17.14 -1.20
N GLY A 184 8.75 16.06 -1.91
CA GLY A 184 9.32 14.88 -1.31
C GLY A 184 8.27 13.82 -0.97
N MET A 185 7.10 13.91 -1.60
CA MET A 185 6.08 12.89 -1.39
C MET A 185 6.27 11.75 -2.40
N LEU A 186 6.33 10.52 -1.92
CA LEU A 186 6.50 9.38 -2.83
C LEU A 186 5.28 9.17 -3.72
N VAL A 187 5.55 8.99 -5.01
CA VAL A 187 4.53 8.60 -5.98
C VAL A 187 4.23 7.12 -5.82
N ASP A 188 2.99 6.80 -5.48
CA ASP A 188 2.58 5.41 -5.31
C ASP A 188 1.76 4.98 -6.51
N LEU A 189 2.20 3.89 -7.14
CA LEU A 189 1.61 3.39 -8.38
C LEU A 189 0.81 2.12 -8.20
N SER A 190 0.56 1.73 -6.96
CA SER A 190 -0.50 0.76 -6.72
C SER A 190 -1.81 1.34 -7.29
N HIS A 191 -2.73 0.44 -7.65
CA HIS A 191 -4.04 0.83 -8.19
C HIS A 191 -4.08 1.43 -9.59
N VAL A 192 -3.00 2.06 -10.04
CA VAL A 192 -3.06 2.78 -11.31
C VAL A 192 -2.92 1.85 -12.52
N ALA A 193 -3.41 2.32 -13.67
CA ALA A 193 -3.29 1.56 -14.91
C ALA A 193 -1.82 1.46 -15.34
N ALA A 194 -1.48 0.43 -16.12
CA ALA A 194 -0.12 0.29 -16.61
C ALA A 194 0.32 1.51 -17.42
N THR A 195 -0.60 2.10 -18.16
CA THR A 195 -0.29 3.34 -18.88
C THR A 195 0.15 4.43 -17.90
N THR A 196 -0.60 4.56 -16.80
CA THR A 196 -0.27 5.52 -15.76
C THR A 196 1.08 5.24 -15.12
N MET A 197 1.38 3.96 -14.92
CA MET A 197 2.68 3.57 -14.36
C MET A 197 3.81 4.08 -15.25
N ARG A 198 3.67 3.86 -16.55
CA ARG A 198 4.71 4.24 -17.50
C ARG A 198 4.85 5.76 -17.59
N ASP A 199 3.72 6.47 -17.62
CA ASP A 199 3.77 7.93 -17.63
C ASP A 199 4.42 8.47 -16.37
N ALA A 200 4.09 7.88 -15.22
CA ALA A 200 4.68 8.35 -13.96
C ALA A 200 6.18 8.09 -13.92
N LEU A 201 6.61 6.94 -14.44
CA LEU A 201 8.04 6.62 -14.49
C LEU A 201 8.78 7.55 -15.48
N ASP A 202 8.11 7.94 -16.55
CA ASP A 202 8.70 8.89 -17.49
C ASP A 202 8.92 10.25 -16.84
N THR A 203 7.96 10.65 -16.01
CA THR A 203 7.92 12.00 -15.47
C THR A 203 8.71 12.17 -14.17
N SER A 204 8.64 11.15 -13.32
CA SER A 204 9.21 11.31 -11.97
C SER A 204 10.72 11.40 -11.98
N THR A 205 11.24 12.36 -11.22
CA THR A 205 12.68 12.45 -11.01
C THR A 205 13.09 11.83 -9.67
N ALA A 206 12.14 11.21 -8.98
CA ALA A 206 12.42 10.52 -7.72
C ALA A 206 11.98 9.06 -7.82
N PRO A 207 12.59 8.19 -7.00
CA PRO A 207 12.10 6.81 -6.92
C PRO A 207 10.61 6.75 -6.58
N VAL A 208 9.90 5.88 -7.28
CA VAL A 208 8.48 5.68 -7.02
C VAL A 208 8.28 4.39 -6.24
N ILE A 209 7.08 4.20 -5.69
CA ILE A 209 6.76 2.95 -5.01
C ILE A 209 5.48 2.34 -5.52
N PHE A 210 5.29 1.06 -5.20
CA PHE A 210 3.97 0.44 -5.24
C PHE A 210 3.74 0.01 -3.80
N SER A 211 2.82 0.67 -3.10
CA SER A 211 2.67 0.43 -1.65
C SER A 211 2.03 -0.91 -1.34
N HIS A 212 1.27 -1.44 -2.28
CA HIS A 212 0.64 -2.75 -2.13
C HIS A 212 0.24 -3.33 -3.49
N SER A 213 1.21 -3.88 -4.20
CA SER A 213 0.95 -4.55 -5.49
C SER A 213 1.86 -5.76 -5.66
N SER A 214 1.37 -6.77 -6.36
CA SER A 214 2.18 -7.96 -6.60
C SER A 214 2.48 -8.11 -8.10
N SER A 215 2.74 -9.34 -8.56
CA SER A 215 3.30 -9.53 -9.92
C SER A 215 2.28 -9.99 -10.96
N ARG A 216 2.14 -9.23 -12.04
CA ARG A 216 1.15 -9.57 -13.07
C ARG A 216 1.59 -10.80 -13.87
N ALA A 217 2.89 -10.99 -14.03
CA ALA A 217 3.40 -12.19 -14.70
C ALA A 217 3.06 -13.45 -13.92
N VAL A 218 3.09 -13.36 -12.60
CA VAL A 218 2.74 -14.50 -11.76
C VAL A 218 1.22 -14.69 -11.70
N CYS A 219 0.49 -13.59 -11.63
N CYS A 219 0.51 -13.58 -11.57
CA CYS A 219 -0.96 -13.65 -11.56
CA CYS A 219 -0.96 -13.59 -11.55
C CYS A 219 -1.57 -12.47 -12.32
C CYS A 219 -1.49 -12.44 -12.37
N ASP A 220 -2.12 -12.75 -13.50
CA ASP A 220 -2.61 -11.72 -14.40
C ASP A 220 -3.87 -11.06 -13.87
N HIS A 221 -3.67 -9.90 -13.24
CA HIS A 221 -4.76 -9.08 -12.72
C HIS A 221 -4.26 -7.64 -12.81
N PRO A 222 -5.15 -6.70 -13.17
CA PRO A 222 -4.68 -5.32 -13.38
C PRO A 222 -4.11 -4.65 -12.12
N ARG A 223 -4.45 -5.15 -10.94
CA ARG A 223 -3.87 -4.60 -9.71
C ARG A 223 -2.41 -4.98 -9.50
N ASN A 224 -1.92 -5.94 -10.28
CA ASN A 224 -0.52 -6.34 -10.21
C ASN A 224 0.35 -5.64 -11.25
N ILE A 225 1.67 -5.74 -11.08
CA ILE A 225 2.61 -4.94 -11.87
C ILE A 225 3.17 -5.76 -13.03
N PRO A 226 3.13 -5.20 -14.26
CA PRO A 226 3.75 -5.89 -15.41
C PRO A 226 5.26 -5.96 -15.32
N ASP A 227 5.86 -7.01 -15.88
CA ASP A 227 7.32 -7.13 -15.90
C ASP A 227 8.02 -5.90 -16.48
N ASP A 228 7.48 -5.33 -17.55
CA ASP A 228 8.16 -4.21 -18.21
C ASP A 228 8.26 -3.01 -17.27
N VAL A 229 7.30 -2.90 -16.36
CA VAL A 229 7.32 -1.84 -15.36
C VAL A 229 8.31 -2.18 -14.23
N LEU A 230 8.29 -3.43 -13.77
CA LEU A 230 9.26 -3.88 -12.78
C LEU A 230 10.69 -3.66 -13.25
N GLU A 231 10.92 -3.89 -14.54
CA GLU A 231 12.26 -3.74 -15.12
C GLU A 231 12.77 -2.30 -15.04
N ARG A 232 11.86 -1.34 -15.05
CA ARG A 232 12.24 0.07 -14.97
C ARG A 232 12.60 0.52 -13.55
N LEU A 233 12.34 -0.33 -12.54
CA LEU A 233 12.56 0.10 -11.15
C LEU A 233 14.02 0.33 -10.77
N SER A 234 14.94 -0.46 -11.32
N SER A 234 14.92 -0.50 -11.28
CA SER A 234 16.35 -0.32 -10.99
CA SER A 234 16.34 -0.32 -11.01
C SER A 234 16.94 1.01 -11.48
C SER A 234 16.73 1.11 -11.39
N ALA A 235 16.46 1.47 -12.63
CA ALA A 235 16.86 2.78 -13.14
C ALA A 235 16.18 3.88 -12.35
N ASN A 236 14.91 3.69 -12.03
CA ASN A 236 14.18 4.69 -11.27
C ASN A 236 14.61 4.76 -9.81
N GLY A 237 15.05 3.63 -9.28
CA GLY A 237 15.50 3.55 -7.90
C GLY A 237 14.41 3.17 -6.90
N GLY A 238 13.20 2.94 -7.40
CA GLY A 238 12.06 2.72 -6.54
C GLY A 238 11.87 1.29 -6.07
N MET A 239 10.68 0.97 -5.58
CA MET A 239 10.45 -0.37 -5.03
C MET A 239 9.00 -0.78 -5.10
N ALA A 240 8.79 -2.08 -5.27
CA ALA A 240 7.46 -2.67 -5.33
C ALA A 240 7.22 -3.44 -4.03
N MET A 241 6.19 -3.04 -3.29
CA MET A 241 5.91 -3.65 -1.99
C MET A 241 4.82 -4.69 -2.17
N VAL A 242 5.21 -5.96 -2.12
CA VAL A 242 4.31 -7.07 -2.44
C VAL A 242 3.11 -7.08 -1.49
N THR A 243 1.94 -7.38 -2.03
CA THR A 243 0.75 -7.45 -1.18
C THR A 243 0.22 -8.87 -1.05
N PHE A 244 -0.65 -9.09 -0.06
CA PHE A 244 -1.07 -10.43 0.32
C PHE A 244 -2.48 -10.77 -0.18
N VAL A 245 -3.19 -9.79 -0.72
CA VAL A 245 -4.60 -9.95 -1.12
C VAL A 245 -4.80 -11.22 -1.94
N PRO A 246 -5.55 -12.20 -1.39
CA PRO A 246 -5.62 -13.48 -2.11
C PRO A 246 -6.15 -13.38 -3.54
N LYS A 247 -7.15 -12.52 -3.76
CA LYS A 247 -7.75 -12.40 -5.08
C LYS A 247 -6.83 -11.67 -6.08
N PHE A 248 -5.65 -11.25 -5.62
CA PHE A 248 -4.60 -10.73 -6.51
C PHE A 248 -3.44 -11.71 -6.67
N VAL A 249 -3.12 -12.45 -5.61
CA VAL A 249 -1.90 -13.26 -5.62
C VAL A 249 -2.07 -14.74 -5.97
N LEU A 250 -3.24 -15.31 -5.73
CA LEU A 250 -3.50 -16.72 -6.00
C LEU A 250 -4.32 -16.87 -7.28
N GLN A 251 -3.78 -17.59 -8.26
CA GLN A 251 -4.48 -17.75 -9.52
C GLN A 251 -5.91 -18.24 -9.33
N ALA A 252 -6.09 -19.25 -8.47
CA ALA A 252 -7.42 -19.81 -8.24
C ALA A 252 -8.37 -18.77 -7.69
N ALA A 253 -7.86 -17.84 -6.88
CA ALA A 253 -8.71 -16.81 -6.30
C ALA A 253 -9.03 -15.73 -7.32
N VAL A 254 -8.08 -15.41 -8.18
CA VAL A 254 -8.38 -14.49 -9.26
C VAL A 254 -9.51 -15.04 -10.14
N ASP A 255 -9.38 -16.31 -10.52
CA ASP A 255 -10.37 -16.98 -11.35
C ASP A 255 -11.73 -17.07 -10.63
N TRP A 256 -11.69 -17.42 -9.35
CA TRP A 256 -12.90 -17.56 -8.55
C TRP A 256 -13.65 -16.23 -8.48
N THR A 257 -12.91 -15.15 -8.21
CA THR A 257 -13.53 -13.84 -8.13
C THR A 257 -14.14 -13.43 -9.46
N ALA A 258 -13.45 -13.73 -10.56
CA ALA A 258 -14.00 -13.43 -11.88
C ALA A 258 -15.32 -14.19 -12.11
N GLU A 259 -15.34 -15.46 -11.73
CA GLU A 259 -16.54 -16.26 -11.88
C GLU A 259 -17.67 -15.79 -10.95
N ALA A 260 -17.31 -15.37 -9.74
CA ALA A 260 -18.29 -14.81 -8.81
C ALA A 260 -18.90 -13.55 -9.39
N ASP A 261 -18.07 -12.68 -9.94
CA ASP A 261 -18.53 -11.42 -10.53
C ASP A 261 -19.46 -11.70 -11.73
N ASP A 262 -19.07 -12.66 -12.58
CA ASP A 262 -19.91 -13.04 -13.72
C ASP A 262 -21.25 -13.56 -13.22
N ASN A 263 -21.20 -14.37 -12.18
CA ASN A 263 -22.43 -14.93 -11.62
C ASN A 263 -23.37 -13.83 -11.12
N MET A 264 -22.80 -12.82 -10.49
CA MET A 264 -23.59 -11.70 -10.02
C MET A 264 -24.29 -11.01 -11.19
N ARG A 265 -23.53 -10.72 -12.24
CA ARG A 265 -24.11 -10.07 -13.42
C ARG A 265 -25.17 -10.96 -14.07
N ALA A 266 -24.98 -12.27 -14.01
CA ALA A 266 -25.96 -13.21 -14.59
C ALA A 266 -27.31 -13.11 -13.91
N HIS A 267 -27.30 -12.61 -12.68
CA HIS A 267 -28.54 -12.44 -11.91
C HIS A 267 -29.01 -10.98 -11.96
N GLY A 268 -28.38 -10.19 -12.82
CA GLY A 268 -28.77 -8.81 -13.01
C GLY A 268 -28.26 -7.82 -11.98
N PHE A 269 -27.23 -8.21 -11.23
CA PHE A 269 -26.61 -7.32 -10.24
C PHE A 269 -25.26 -6.83 -10.71
N HIS A 270 -24.93 -5.58 -10.37
CA HIS A 270 -23.57 -5.11 -10.50
C HIS A 270 -22.70 -5.95 -9.56
N HIS A 271 -21.48 -6.28 -9.98
CA HIS A 271 -20.64 -7.17 -9.18
C HIS A 271 -20.33 -6.61 -7.79
N LEU A 272 -20.49 -5.30 -7.62
CA LEU A 272 -20.23 -4.66 -6.32
C LEU A 272 -21.48 -4.42 -5.49
N ASP A 273 -22.63 -4.88 -5.98
CA ASP A 273 -23.90 -4.71 -5.28
C ASP A 273 -23.86 -5.43 -3.94
N SER A 274 -24.20 -4.74 -2.86
CA SER A 274 -24.06 -5.32 -1.53
C SER A 274 -25.40 -5.49 -0.81
N SER A 275 -26.50 -5.37 -1.56
CA SER A 275 -27.84 -5.54 -1.01
C SER A 275 -28.05 -6.97 -0.55
N PRO A 276 -29.02 -7.19 0.36
CA PRO A 276 -29.33 -8.54 0.82
C PRO A 276 -29.65 -9.49 -0.35
N GLU A 277 -30.30 -8.97 -1.38
CA GLU A 277 -30.65 -9.79 -2.54
C GLU A 277 -29.38 -10.23 -3.28
N ALA A 278 -28.45 -9.32 -3.47
CA ALA A 278 -27.19 -9.65 -4.13
C ALA A 278 -26.37 -10.60 -3.26
N MET A 279 -26.40 -10.40 -1.95
CA MET A 279 -25.64 -11.25 -1.05
C MET A 279 -26.13 -12.70 -1.10
N LYS A 280 -27.44 -12.86 -1.29
CA LYS A 280 -28.03 -14.20 -1.42
C LYS A 280 -27.48 -14.91 -2.64
N VAL A 281 -27.38 -14.19 -3.75
CA VAL A 281 -26.83 -14.75 -4.97
C VAL A 281 -25.37 -15.16 -4.75
N HIS A 282 -24.58 -14.29 -4.13
CA HIS A 282 -23.19 -14.61 -3.91
C HIS A 282 -23.02 -15.80 -2.96
N ALA A 283 -23.84 -15.84 -1.91
CA ALA A 283 -23.76 -16.95 -0.97
C ALA A 283 -24.01 -18.28 -1.67
N ALA A 284 -24.96 -18.29 -2.61
CA ALA A 284 -25.29 -19.49 -3.36
C ALA A 284 -24.11 -19.92 -4.24
N PHE A 285 -23.40 -18.94 -4.80
CA PHE A 285 -22.20 -19.26 -5.58
C PHE A 285 -21.13 -19.89 -4.69
N GLU A 286 -20.87 -19.28 -3.54
CA GLU A 286 -19.83 -19.80 -2.67
C GLU A 286 -20.21 -21.18 -2.14
N GLU A 287 -21.51 -21.44 -2.03
CA GLU A 287 -21.98 -22.76 -1.63
C GLU A 287 -21.61 -23.84 -2.64
N ARG A 288 -21.72 -23.55 -3.93
CA ARG A 288 -21.34 -24.56 -4.91
C ARG A 288 -19.86 -24.51 -5.29
N VAL A 289 -19.21 -23.36 -5.02
CA VAL A 289 -17.78 -23.23 -5.31
C VAL A 289 -17.06 -22.54 -4.14
N PRO A 290 -16.46 -23.33 -3.24
CA PRO A 290 -15.81 -22.72 -2.08
C PRO A 290 -14.69 -21.75 -2.48
N ARG A 291 -14.51 -20.71 -1.66
CA ARG A 291 -13.45 -19.75 -1.88
C ARG A 291 -12.07 -20.39 -1.69
N PRO A 292 -11.20 -20.27 -2.70
CA PRO A 292 -9.85 -20.83 -2.58
C PRO A 292 -9.03 -20.03 -1.58
N VAL A 293 -8.05 -20.70 -0.96
CA VAL A 293 -7.26 -20.10 0.10
C VAL A 293 -5.79 -20.05 -0.31
N ALA A 294 -5.20 -18.86 -0.22
CA ALA A 294 -3.79 -18.68 -0.54
C ALA A 294 -2.94 -19.06 0.66
N THR A 295 -1.62 -19.17 0.44
CA THR A 295 -0.69 -19.50 1.52
C THR A 295 0.52 -18.58 1.47
N VAL A 296 1.40 -18.71 2.46
CA VAL A 296 2.66 -17.97 2.44
C VAL A 296 3.43 -18.27 1.16
N SER A 297 3.40 -19.53 0.73
CA SER A 297 4.04 -19.93 -0.52
C SER A 297 3.55 -19.10 -1.72
N THR A 298 2.26 -18.82 -1.77
CA THR A 298 1.71 -18.00 -2.84
C THR A 298 2.42 -16.65 -2.91
N VAL A 299 2.55 -16.00 -1.75
CA VAL A 299 3.18 -14.69 -1.69
C VAL A 299 4.66 -14.79 -2.03
N ALA A 300 5.33 -15.84 -1.53
CA ALA A 300 6.73 -16.04 -1.85
C ALA A 300 6.95 -16.22 -3.36
N ASP A 301 6.00 -16.86 -4.04
CA ASP A 301 6.10 -17.01 -5.49
C ASP A 301 6.18 -15.64 -6.18
N HIS A 302 5.39 -14.69 -5.70
CA HIS A 302 5.46 -13.34 -6.25
C HIS A 302 6.80 -12.68 -5.97
N LEU A 303 7.26 -12.80 -4.73
CA LEU A 303 8.54 -12.18 -4.39
C LEU A 303 9.69 -12.78 -5.17
N ASP A 304 9.68 -14.10 -5.39
CA ASP A 304 10.74 -14.72 -6.17
C ASP A 304 10.80 -14.10 -7.56
N HIS A 305 9.64 -13.97 -8.21
CA HIS A 305 9.64 -13.44 -9.57
C HIS A 305 9.98 -11.94 -9.58
N MET A 306 9.43 -11.19 -8.63
CA MET A 306 9.72 -9.78 -8.54
C MET A 306 11.21 -9.54 -8.31
N ARG A 307 11.83 -10.41 -7.53
N ARG A 307 11.84 -10.41 -7.52
CA ARG A 307 13.27 -10.32 -7.30
CA ARG A 307 13.28 -10.31 -7.30
C ARG A 307 14.04 -10.53 -8.60
C ARG A 307 14.05 -10.53 -8.60
N GLU A 308 13.63 -11.53 -9.36
CA GLU A 308 14.31 -11.85 -10.62
C GLU A 308 14.23 -10.69 -11.60
N VAL A 309 13.06 -10.05 -11.67
CA VAL A 309 12.86 -9.00 -12.67
C VAL A 309 13.28 -7.62 -12.18
N ALA A 310 12.84 -7.23 -10.99
CA ALA A 310 13.12 -5.90 -10.45
C ALA A 310 14.47 -5.80 -9.74
N GLY A 311 14.91 -6.88 -9.12
CA GLY A 311 16.12 -6.86 -8.31
C GLY A 311 15.80 -6.74 -6.83
N VAL A 312 16.63 -7.37 -6.00
CA VAL A 312 16.40 -7.42 -4.56
C VAL A 312 16.40 -6.02 -3.90
N ASP A 313 17.03 -5.04 -4.55
CA ASP A 313 17.07 -3.68 -4.01
C ASP A 313 15.78 -2.92 -4.27
N HIS A 314 14.82 -3.55 -4.93
CA HIS A 314 13.62 -2.84 -5.38
C HIS A 314 12.34 -3.53 -4.94
N LEU A 315 12.40 -4.18 -3.77
CA LEU A 315 11.28 -4.91 -3.20
C LEU A 315 10.98 -4.47 -1.78
N GLY A 316 9.71 -4.53 -1.41
CA GLY A 316 9.30 -4.36 -0.02
C GLY A 316 8.04 -5.17 0.23
N ILE A 317 7.35 -4.85 1.32
CA ILE A 317 6.15 -5.58 1.73
C ILE A 317 5.06 -4.57 2.06
N GLY A 318 3.86 -4.80 1.51
CA GLY A 318 2.70 -3.96 1.80
C GLY A 318 1.48 -4.85 1.98
N GLY A 319 1.25 -5.26 3.22
CA GLY A 319 0.31 -6.34 3.51
C GLY A 319 -1.14 -6.08 3.17
N ASP A 320 -1.55 -4.82 3.24
CA ASP A 320 -2.95 -4.42 3.07
C ASP A 320 -3.83 -4.87 4.24
N TYR A 321 -3.22 -5.07 5.41
CA TYR A 321 -3.98 -5.46 6.58
C TYR A 321 -5.04 -4.42 6.94
N ASP A 322 -6.19 -4.92 7.36
CA ASP A 322 -7.37 -4.12 7.66
C ASP A 322 -7.96 -3.35 6.47
N GLY A 323 -7.47 -3.66 5.28
CA GLY A 323 -7.99 -3.08 4.05
C GLY A 323 -8.68 -4.08 3.15
N THR A 324 -8.60 -5.35 3.52
CA THR A 324 -9.10 -6.43 2.69
C THR A 324 -9.63 -7.54 3.62
N PRO A 325 -10.69 -8.24 3.20
CA PRO A 325 -11.34 -9.13 4.17
C PRO A 325 -10.67 -10.49 4.36
N PHE A 326 -9.98 -10.98 3.33
CA PHE A 326 -9.40 -12.32 3.39
C PHE A 326 -7.89 -12.27 3.31
N THR A 327 -7.26 -13.27 3.91
CA THR A 327 -5.82 -13.34 4.00
C THR A 327 -5.31 -14.73 3.70
N PRO A 328 -4.06 -14.85 3.26
CA PRO A 328 -3.45 -16.16 3.06
C PRO A 328 -3.27 -16.88 4.40
N ASP A 329 -3.38 -18.21 4.38
CA ASP A 329 -3.01 -18.99 5.56
C ASP A 329 -1.57 -18.65 5.94
N GLY A 330 -1.33 -18.47 7.24
CA GLY A 330 -0.01 -18.11 7.72
C GLY A 330 0.22 -16.61 7.74
N LEU A 331 -0.66 -15.87 7.07
CA LEU A 331 -0.57 -14.41 7.07
C LEU A 331 -1.92 -13.81 7.48
N GLY A 332 -2.57 -14.47 8.43
CA GLY A 332 -3.93 -14.10 8.84
C GLY A 332 -4.09 -12.74 9.51
N ASP A 333 -3.00 -12.19 10.05
CA ASP A 333 -3.03 -10.86 10.63
C ASP A 333 -1.60 -10.31 10.66
N VAL A 334 -1.41 -9.14 11.29
CA VAL A 334 -0.11 -8.48 11.26
C VAL A 334 0.99 -9.24 12.00
N SER A 335 0.63 -10.29 12.74
CA SER A 335 1.66 -11.08 13.41
C SER A 335 2.33 -12.09 12.46
N GLY A 336 1.87 -12.16 11.22
CA GLY A 336 2.28 -13.22 10.32
C GLY A 336 3.61 -13.10 9.59
N TYR A 337 4.19 -11.91 9.53
CA TYR A 337 5.37 -11.69 8.68
C TYR A 337 6.50 -12.72 8.87
N PRO A 338 6.77 -13.15 10.11
CA PRO A 338 7.88 -14.10 10.27
C PRO A 338 7.68 -15.39 9.46
N ASN A 339 6.43 -15.79 9.23
CA ASN A 339 6.16 -16.96 8.41
C ASN A 339 6.62 -16.76 6.97
N LEU A 340 6.44 -15.54 6.45
CA LEU A 340 6.89 -15.22 5.11
C LEU A 340 8.42 -15.21 5.05
N ILE A 341 9.04 -14.56 6.03
CA ILE A 341 10.50 -14.51 6.08
C ILE A 341 11.09 -15.92 6.18
N ALA A 342 10.46 -16.78 6.97
CA ALA A 342 10.93 -18.16 7.10
C ALA A 342 10.87 -18.91 5.78
N GLU A 343 9.77 -18.73 5.06
CA GLU A 343 9.62 -19.36 3.74
C GLU A 343 10.71 -18.88 2.78
N LEU A 344 11.00 -17.58 2.80
CA LEU A 344 12.05 -17.04 1.93
C LEU A 344 13.43 -17.58 2.32
N LEU A 345 13.69 -17.70 3.62
CA LEU A 345 14.92 -18.37 4.05
C LEU A 345 15.01 -19.77 3.47
N ASP A 346 13.91 -20.51 3.53
CA ASP A 346 13.88 -21.88 3.01
C ASP A 346 14.13 -21.92 1.51
N ARG A 347 13.79 -20.84 0.83
CA ARG A 347 14.02 -20.72 -0.61
C ARG A 347 15.39 -20.13 -0.94
N GLY A 348 16.21 -19.91 0.08
CA GLY A 348 17.58 -19.49 -0.14
C GLY A 348 17.85 -17.99 -0.16
N TRP A 349 16.86 -17.19 0.23
CA TRP A 349 17.11 -15.76 0.35
C TRP A 349 18.16 -15.52 1.44
N SER A 350 19.10 -14.61 1.18
CA SER A 350 20.15 -14.33 2.16
C SER A 350 19.68 -13.37 3.24
N GLN A 351 20.44 -13.30 4.34
CA GLN A 351 20.11 -12.36 5.40
C GLN A 351 20.13 -10.92 4.90
N SER A 352 21.10 -10.57 4.08
CA SER A 352 21.15 -9.21 3.56
C SER A 352 20.01 -8.95 2.56
N ASP A 353 19.65 -9.97 1.77
CA ASP A 353 18.49 -9.84 0.87
C ASP A 353 17.26 -9.47 1.68
N LEU A 354 17.08 -10.18 2.79
CA LEU A 354 15.89 -10.03 3.61
C LEU A 354 15.87 -8.69 4.37
N ALA A 355 17.04 -8.20 4.77
CA ALA A 355 17.10 -6.90 5.44
C ALA A 355 16.75 -5.76 4.48
N LYS A 356 17.05 -5.96 3.20
CA LYS A 356 16.65 -5.01 2.16
C LYS A 356 15.14 -5.04 2.00
N LEU A 357 14.59 -6.25 1.90
CA LEU A 357 13.16 -6.45 1.72
C LEU A 357 12.35 -5.83 2.83
N THR A 358 12.78 -6.05 4.07
CA THR A 358 12.00 -5.60 5.20
C THR A 358 12.24 -4.11 5.50
N TRP A 359 13.50 -3.72 5.62
CA TRP A 359 13.84 -2.41 6.13
C TRP A 359 14.61 -1.48 5.18
N LYS A 360 15.71 -1.97 4.62
CA LYS A 360 16.68 -1.04 4.04
C LYS A 360 16.21 -0.38 2.75
N ASN A 361 15.46 -1.11 1.94
CA ASN A 361 15.00 -0.52 0.69
C ASN A 361 14.06 0.65 0.95
N ALA A 362 13.12 0.45 1.86
CA ALA A 362 12.14 1.49 2.18
C ALA A 362 12.82 2.75 2.72
N VAL A 363 13.82 2.59 3.59
CA VAL A 363 14.51 3.75 4.12
C VAL A 363 15.30 4.47 3.01
N ARG A 364 15.93 3.69 2.13
CA ARG A 364 16.69 4.28 1.03
C ARG A 364 15.77 5.11 0.14
N VAL A 365 14.62 4.55 -0.19
CA VAL A 365 13.69 5.21 -1.08
C VAL A 365 13.14 6.52 -0.50
N LEU A 366 12.77 6.52 0.78
CA LEU A 366 12.30 7.76 1.38
C LEU A 366 13.43 8.80 1.45
N ASP A 367 14.63 8.36 1.80
CA ASP A 367 15.77 9.28 1.80
C ASP A 367 15.99 9.86 0.41
N ALA A 368 15.84 9.04 -0.63
CA ALA A 368 16.00 9.52 -2.00
C ALA A 368 14.98 10.58 -2.36
N ALA A 369 13.72 10.36 -1.97
CA ALA A 369 12.68 11.36 -2.17
C ALA A 369 13.06 12.69 -1.52
N GLU A 370 13.60 12.62 -0.31
CA GLU A 370 14.05 13.83 0.41
C GLU A 370 15.17 14.53 -0.34
N ASP A 371 16.10 13.74 -0.87
CA ASP A 371 17.24 14.26 -1.61
C ASP A 371 16.78 14.98 -2.89
N VAL A 372 15.89 14.34 -3.63
CA VAL A 372 15.36 14.96 -4.84
C VAL A 372 14.61 16.25 -4.50
N SER A 373 13.82 16.21 -3.43
CA SER A 373 13.10 17.39 -2.95
C SER A 373 14.05 18.55 -2.60
N ARG A 374 15.18 18.26 -1.95
CA ARG A 374 16.11 19.33 -1.63
C ARG A 374 16.54 20.08 -2.88
N GLY A 375 16.88 19.33 -3.93
CA GLY A 375 17.31 19.92 -5.17
C GLY A 375 16.22 20.75 -5.83
N LEU A 376 15.02 20.19 -5.91
CA LEU A 376 13.93 20.89 -6.57
C LEU A 376 13.43 22.11 -5.78
N ARG A 377 13.40 22.02 -4.45
CA ARG A 377 12.98 23.17 -3.66
C ARG A 377 13.94 24.34 -3.78
N ALA A 378 15.23 24.04 -3.95
CA ALA A 378 16.24 25.07 -4.16
C ALA A 378 16.19 25.65 -5.56
N ALA A 379 15.71 24.86 -6.51
CA ALA A 379 15.76 25.22 -7.93
C ALA A 379 14.58 26.09 -8.41
N ARG A 380 13.43 25.93 -7.76
CA ARG A 380 12.23 26.64 -8.20
C ARG A 380 11.23 26.72 -7.05
N GLY A 381 10.23 27.59 -7.22
CA GLY A 381 9.12 27.65 -6.28
C GLY A 381 8.06 26.63 -6.58
N PRO A 382 7.06 26.52 -5.70
CA PRO A 382 5.97 25.57 -5.89
C PRO A 382 5.11 25.97 -7.09
N SER A 383 4.43 24.99 -7.68
CA SER A 383 3.56 25.27 -8.81
C SER A 383 2.22 25.84 -8.38
N ASN A 384 1.75 26.79 -9.18
CA ASN A 384 0.47 27.44 -9.00
C ASN A 384 -0.51 27.00 -10.09
N ALA A 385 -0.15 25.98 -10.85
CA ALA A 385 -0.94 25.58 -12.02
C ALA A 385 -2.29 24.96 -11.62
N THR A 386 -3.30 25.15 -12.46
CA THR A 386 -4.59 24.55 -12.23
C THR A 386 -4.89 23.48 -13.29
N ILE A 387 -5.87 22.64 -13.01
CA ILE A 387 -6.23 21.58 -13.95
C ILE A 387 -6.88 22.17 -15.21
N GLU A 388 -7.59 23.28 -15.05
CA GLU A 388 -8.16 23.97 -16.21
C GLU A 388 -7.07 24.50 -17.14
N GLN A 389 -6.02 25.06 -16.56
CA GLN A 389 -4.91 25.59 -17.35
C GLN A 389 -4.21 24.49 -18.13
N LEU A 390 -3.96 23.35 -17.47
CA LEU A 390 -3.15 22.32 -18.11
C LEU A 390 -3.94 21.32 -18.93
N ASP A 391 -5.17 21.02 -18.49
CA ASP A 391 -5.98 20.00 -19.17
C ASP A 391 -7.14 20.60 -19.98
N GLY A 392 -7.35 21.89 -19.85
CA GLY A 392 -8.44 22.55 -20.55
C GLY A 392 -9.74 22.46 -19.76
N THR A 393 -10.75 23.19 -20.19
CA THR A 393 -12.02 23.19 -19.49
C THR A 393 -12.89 22.00 -19.91
C1 P5D B . -10.28 -0.51 0.06
N1 P5D B . -8.39 0.73 1.09
C2 P5D B . -8.89 -0.61 0.72
P3 P5D B . -7.64 -1.29 -0.41
C4 P5D B . -8.00 -3.03 -0.70
C5 P5D B . -8.13 -3.47 -2.19
C6 P5D B . -6.93 -3.06 -3.07
C7 P5D B . -8.48 -4.96 -2.21
C8 P5D B . -9.90 -5.30 -1.74
CG P5D B . -11.44 -0.40 1.00
CZ P5D B . -13.59 -0.17 2.75
O31 P5D B . -6.31 -1.13 0.29
O32 P5D B . -7.64 -0.45 -1.75
O61 P5D B . -7.05 -3.21 -4.28
O62 P5D B . -5.90 -2.60 -2.49
O81 P5D B . -10.82 -4.55 -2.10
O82 P5D B . -10.00 -6.29 -1.01
CD1 P5D B . -12.38 0.61 0.83
CD2 P5D B . -11.57 -1.29 2.06
CE1 P5D B . -13.46 0.72 1.70
CE2 P5D B . -12.65 -1.18 2.94
ZN ZN C . -6.14 0.69 1.34
ZN ZN D . -5.58 -0.41 -2.16
C1 EDO E . 21.87 -6.61 7.32
O1 EDO E . 22.23 -6.40 5.95
C2 EDO E . 21.51 -8.06 7.56
O2 EDO E . 22.59 -8.89 7.11
C1 EDO F . -11.23 14.28 -9.56
O1 EDO F . -9.95 14.40 -10.18
C2 EDO F . -11.09 13.82 -8.11
O2 EDO F . -10.36 14.82 -7.37
C1 EDO G . 0.10 -17.85 -8.33
O1 EDO G . -1.05 -18.55 -7.86
C2 EDO G . 1.21 -17.95 -7.30
O2 EDO G . 1.67 -19.30 -7.24
C1 EDO H . -11.02 -9.94 12.10
O1 EDO H . -11.98 -10.95 11.75
C2 EDO H . -9.87 -10.00 11.10
O2 EDO H . -9.18 -11.24 11.21
C1 EDO I . 6.46 23.50 0.07
O1 EDO I . 6.44 24.02 -1.26
C2 EDO I . 7.90 23.17 0.42
O2 EDO I . 8.75 24.24 -0.03
C1 EDO J . -3.74 16.64 12.08
O1 EDO J . -2.61 16.77 12.95
C2 EDO J . -5.02 16.86 12.87
O2 EDO J . -5.01 16.04 14.04
#